data_2OW0
#
_entry.id   2OW0
#
_cell.length_a   55.190
_cell.length_b   55.190
_cell.length_c   260.361
_cell.angle_alpha   90.00
_cell.angle_beta   90.00
_cell.angle_gamma   90.00
#
_symmetry.space_group_name_H-M   'P 41 21 2'
#
loop_
_entity.id
_entity.type
_entity.pdbx_description
1 polymer 'Matrix metalloproteinase-9 (MMP-9) (92 kDa type IV collagenase) (92 kDa gelatinase) (Gelatinase B) (GELB)'
2 non-polymer 'ZINC ION'
3 non-polymer 'CALCIUM ION'
4 non-polymer 'CHLORIDE ION'
5 non-polymer "N-[(4'-IODOBIPHENYL-4-YL)SULFONYL]-D-TRYPTOPHAN"
6 water water
#
_entity_poly.entity_id   1
_entity_poly.type   'polypeptide(L)'
_entity_poly.pdbx_seq_one_letter_code
;FEGDLKWHHHNITYWIQNYSEDLPRAVIDDAFARAFALWSAVTPLTFTRVYSRDADIVIQFGVAEHGDGYPFDGKDGLLA
HAFPPGPGIQGDAHFDDDELWSLGKGQGYSLFLVAAHQFGHALGLDHSSVPEALMYPMYRFTEGPPLHKDDVNGIRHLY
;
_entity_poly.pdbx_strand_id   A,B
#
# COMPACT_ATOMS: atom_id res chain seq x y z
N PHE A 1 -13.62 3.83 17.18
CA PHE A 1 -12.40 2.97 17.24
C PHE A 1 -12.22 2.32 18.62
N GLU A 2 -13.33 2.03 19.28
CA GLU A 2 -13.30 1.40 20.59
C GLU A 2 -13.96 0.03 20.47
N GLY A 3 -13.21 -1.02 20.82
CA GLY A 3 -13.74 -2.37 20.73
C GLY A 3 -13.88 -3.07 22.06
N ASP A 4 -14.44 -4.28 22.03
CA ASP A 4 -14.62 -5.06 23.24
C ASP A 4 -14.05 -6.46 23.05
N LEU A 5 -13.33 -6.65 21.95
CA LEU A 5 -12.74 -7.96 21.66
C LEU A 5 -11.22 -7.99 21.82
N LYS A 6 -10.71 -9.17 22.12
CA LYS A 6 -9.27 -9.33 22.26
C LYS A 6 -8.86 -10.42 21.27
N TRP A 7 -7.58 -10.49 20.94
CA TRP A 7 -7.09 -11.52 20.02
C TRP A 7 -7.13 -12.87 20.75
N HIS A 8 -7.62 -13.90 20.07
CA HIS A 8 -7.70 -15.22 20.68
C HIS A 8 -6.40 -16.00 20.57
N HIS A 9 -5.38 -15.39 19.95
CA HIS A 9 -4.08 -16.03 19.84
C HIS A 9 -3.01 -15.03 20.24
N HIS A 10 -1.86 -15.52 20.70
CA HIS A 10 -0.78 -14.65 21.14
C HIS A 10 0.32 -14.44 20.13
N ASN A 11 0.37 -15.29 19.09
CA ASN A 11 1.39 -15.18 18.06
C ASN A 11 0.86 -14.28 16.96
N ILE A 12 0.86 -12.98 17.22
CA ILE A 12 0.34 -11.99 16.29
C ILE A 12 1.28 -11.74 15.10
N THR A 13 0.70 -11.63 13.91
CA THR A 13 1.49 -11.37 12.71
C THR A 13 1.14 -9.98 12.15
N TYR A 14 2.10 -9.35 11.46
CA TYR A 14 1.89 -8.03 10.88
C TYR A 14 2.58 -7.92 9.54
N TRP A 15 2.00 -7.12 8.66
CA TRP A 15 2.54 -6.91 7.34
C TRP A 15 2.64 -5.43 6.99
N ILE A 16 3.84 -5.00 6.64
CA ILE A 16 4.05 -3.61 6.27
C ILE A 16 3.70 -3.49 4.80
N GLN A 17 2.47 -3.03 4.53
CA GLN A 17 2.01 -2.90 3.15
C GLN A 17 2.79 -1.91 2.29
N ASN A 18 2.97 -0.69 2.77
CA ASN A 18 3.72 0.33 2.02
C ASN A 18 4.47 1.21 3.01
N TYR A 19 5.20 2.20 2.50
CA TYR A 19 6.00 3.06 3.36
C TYR A 19 5.78 4.56 3.21
N SER A 20 6.36 5.30 4.14
CA SER A 20 6.27 6.76 4.11
C SER A 20 7.48 7.26 3.32
N GLU A 21 7.33 8.42 2.70
CA GLU A 21 8.42 9.04 1.93
C GLU A 21 9.42 9.77 2.84
N ASP A 22 9.06 9.91 4.11
CA ASP A 22 9.87 10.60 5.09
C ASP A 22 11.05 9.84 5.69
N LEU A 23 11.02 8.52 5.61
CA LEU A 23 12.08 7.71 6.21
C LEU A 23 12.47 6.51 5.36
N PRO A 24 13.75 6.07 5.48
CA PRO A 24 14.26 4.91 4.73
C PRO A 24 13.47 3.68 5.18
N ARG A 25 13.22 2.75 4.25
CA ARG A 25 12.47 1.54 4.59
C ARG A 25 13.08 0.79 5.78
N ALA A 26 14.41 0.80 5.89
CA ALA A 26 15.06 0.10 6.99
C ALA A 26 14.71 0.75 8.33
N VAL A 27 14.64 2.08 8.34
CA VAL A 27 14.31 2.82 9.55
C VAL A 27 12.85 2.52 9.93
N ILE A 28 11.98 2.48 8.92
CA ILE A 28 10.56 2.19 9.15
C ILE A 28 10.37 0.80 9.74
N ASP A 29 10.96 -0.20 9.09
CA ASP A 29 10.83 -1.56 9.57
C ASP A 29 11.30 -1.67 11.02
N ASP A 30 12.43 -1.02 11.33
CA ASP A 30 13.01 -1.05 12.67
C ASP A 30 12.14 -0.35 13.71
N ALA A 31 11.56 0.79 13.33
CA ALA A 31 10.68 1.56 14.21
C ALA A 31 9.44 0.73 14.59
N PHE A 32 8.86 0.02 13.62
CA PHE A 32 7.70 -0.82 13.92
C PHE A 32 8.12 -2.02 14.76
N ALA A 33 9.25 -2.61 14.43
CA ALA A 33 9.74 -3.76 15.20
C ALA A 33 9.92 -3.38 16.67
N ARG A 34 10.53 -2.22 16.90
CA ARG A 34 10.78 -1.76 18.27
C ARG A 34 9.48 -1.42 19.00
N ALA A 35 8.52 -0.87 18.26
CA ALA A 35 7.22 -0.50 18.81
C ALA A 35 6.51 -1.76 19.33
N PHE A 36 6.54 -2.81 18.52
CA PHE A 36 5.94 -4.07 18.92
C PHE A 36 6.72 -4.69 20.09
N ALA A 37 8.04 -4.56 20.06
CA ALA A 37 8.87 -5.14 21.12
C ALA A 37 8.52 -4.61 22.49
N LEU A 38 7.95 -3.40 22.54
CA LEU A 38 7.55 -2.82 23.81
C LEU A 38 6.46 -3.65 24.46
N TRP A 39 5.51 -4.12 23.65
CA TRP A 39 4.39 -4.90 24.15
C TRP A 39 4.74 -6.37 24.41
N SER A 40 5.57 -6.94 23.56
CA SER A 40 5.96 -8.33 23.76
C SER A 40 6.90 -8.44 24.96
N ALA A 41 7.48 -7.32 25.37
CA ALA A 41 8.42 -7.37 26.49
C ALA A 41 7.73 -7.60 27.83
N VAL A 42 6.45 -7.27 27.91
CA VAL A 42 5.70 -7.42 29.16
C VAL A 42 4.50 -8.34 29.09
N THR A 43 4.43 -9.14 28.04
CA THR A 43 3.33 -10.08 27.85
C THR A 43 3.81 -11.30 27.07
N PRO A 44 3.02 -12.38 27.09
CA PRO A 44 3.40 -13.59 26.36
C PRO A 44 3.15 -13.43 24.85
N LEU A 45 2.77 -12.23 24.44
CA LEU A 45 2.51 -11.96 23.03
C LEU A 45 3.81 -11.94 22.23
N THR A 46 3.73 -12.37 20.97
CA THR A 46 4.89 -12.32 20.07
C THR A 46 4.42 -11.63 18.78
N PHE A 47 5.35 -11.01 18.06
CA PHE A 47 5.01 -10.32 16.81
C PHE A 47 5.94 -10.76 15.69
N THR A 48 5.34 -11.33 14.65
CA THR A 48 6.14 -11.83 13.54
C THR A 48 5.79 -11.10 12.26
N ARG A 49 6.79 -10.57 11.58
CA ARG A 49 6.55 -9.87 10.32
C ARG A 49 6.31 -10.88 9.20
N VAL A 50 5.24 -10.66 8.44
CA VAL A 50 4.89 -11.54 7.32
C VAL A 50 4.66 -10.68 6.08
N TYR A 51 4.40 -11.33 4.95
CA TYR A 51 4.18 -10.59 3.71
C TYR A 51 2.91 -11.06 3.02
N SER A 52 1.83 -11.14 3.79
CA SER A 52 0.53 -11.59 3.28
C SER A 52 -0.59 -10.76 3.88
N ARG A 53 -1.72 -10.74 3.19
CA ARG A 53 -2.89 -9.99 3.69
C ARG A 53 -3.49 -10.77 4.84
N ASP A 54 -3.05 -12.02 5.02
CA ASP A 54 -3.56 -12.86 6.09
C ASP A 54 -3.02 -12.43 7.44
N ALA A 55 -2.13 -11.44 7.45
CA ALA A 55 -1.55 -10.95 8.68
C ALA A 55 -2.66 -10.37 9.58
N ASP A 56 -2.46 -10.45 10.89
CA ASP A 56 -3.45 -9.91 11.83
C ASP A 56 -3.46 -8.38 11.75
N ILE A 57 -2.26 -7.79 11.74
CA ILE A 57 -2.14 -6.34 11.68
C ILE A 57 -1.49 -5.85 10.37
N VAL A 58 -2.31 -5.29 9.49
CA VAL A 58 -1.79 -4.77 8.24
C VAL A 58 -1.48 -3.30 8.48
N ILE A 59 -0.24 -2.92 8.18
CA ILE A 59 0.24 -1.56 8.35
C ILE A 59 0.35 -0.83 7.02
N GLN A 60 -0.18 0.38 6.95
CA GLN A 60 -0.09 1.14 5.73
C GLN A 60 -0.12 2.64 5.96
N PHE A 61 0.52 3.35 5.06
CA PHE A 61 0.58 4.81 5.11
C PHE A 61 -0.38 5.27 4.03
N GLY A 62 -1.25 6.22 4.38
CA GLY A 62 -2.19 6.71 3.40
C GLY A 62 -2.38 8.21 3.50
N VAL A 63 -3.09 8.78 2.54
CA VAL A 63 -3.38 10.21 2.54
C VAL A 63 -4.85 10.40 2.16
N ALA A 64 -5.53 11.29 2.88
CA ALA A 64 -6.94 11.56 2.64
C ALA A 64 -7.74 10.26 2.70
N GLU A 65 -8.61 10.04 1.73
CA GLU A 65 -9.43 8.82 1.70
C GLU A 65 -8.51 7.66 1.37
N HIS A 66 -8.54 6.62 2.19
CA HIS A 66 -7.70 5.45 1.98
C HIS A 66 -8.42 4.12 2.17
N GLY A 67 -9.69 4.08 1.83
CA GLY A 67 -10.43 2.85 1.95
C GLY A 67 -11.58 2.89 2.93
N ASP A 68 -11.25 3.02 4.21
CA ASP A 68 -12.27 3.04 5.24
C ASP A 68 -13.08 4.33 5.24
N GLY A 69 -13.99 4.45 6.20
CA GLY A 69 -14.81 5.65 6.25
C GLY A 69 -14.21 6.76 7.10
N TYR A 70 -12.89 6.73 7.30
CA TYR A 70 -12.24 7.73 8.12
C TYR A 70 -11.01 8.31 7.41
N PRO A 71 -11.24 9.14 6.40
CA PRO A 71 -10.11 9.73 5.68
C PRO A 71 -9.23 10.63 6.54
N PHE A 72 -7.95 10.71 6.18
CA PHE A 72 -7.04 11.56 6.93
C PHE A 72 -7.23 13.01 6.52
N ASP A 73 -6.99 13.93 7.46
CA ASP A 73 -7.18 15.35 7.25
C ASP A 73 -5.96 16.08 6.72
N GLY A 74 -4.93 15.34 6.34
CA GLY A 74 -3.72 15.99 5.86
C GLY A 74 -2.85 16.45 7.01
N LYS A 75 -2.07 17.51 6.78
CA LYS A 75 -1.17 18.04 7.80
C LYS A 75 -1.86 18.21 9.14
N ASP A 76 -1.22 17.72 10.19
CA ASP A 76 -1.75 17.80 11.55
C ASP A 76 -3.11 17.12 11.74
N GLY A 77 -3.76 17.41 12.86
CA GLY A 77 -5.05 16.81 13.15
C GLY A 77 -4.90 15.33 13.40
N LEU A 78 -5.61 14.50 12.63
CA LEU A 78 -5.48 13.05 12.80
C LEU A 78 -4.09 12.63 12.32
N LEU A 79 -3.38 11.90 13.18
CA LEU A 79 -2.04 11.41 12.86
C LEU A 79 -2.09 9.97 12.36
N ALA A 80 -3.04 9.20 12.86
CA ALA A 80 -3.18 7.81 12.48
C ALA A 80 -4.28 7.18 13.31
N HIS A 81 -4.66 5.95 12.95
CA HIS A 81 -5.66 5.23 13.71
C HIS A 81 -5.51 3.74 13.47
N ALA A 82 -5.98 2.95 14.43
CA ALA A 82 -5.88 1.50 14.37
C ALA A 82 -7.19 0.89 14.81
N PHE A 83 -7.66 -0.10 14.06
CA PHE A 83 -8.91 -0.76 14.41
C PHE A 83 -8.68 -1.81 15.48
N PRO A 84 -9.60 -1.94 16.45
CA PRO A 84 -9.48 -2.93 17.53
C PRO A 84 -9.49 -4.38 17.01
N PRO A 85 -9.07 -5.34 17.85
CA PRO A 85 -9.02 -6.76 17.49
C PRO A 85 -10.23 -7.28 16.75
N GLY A 86 -9.98 -8.17 15.78
CA GLY A 86 -11.05 -8.74 14.98
C GLY A 86 -10.54 -9.11 13.61
N PRO A 87 -11.39 -9.74 12.78
CA PRO A 87 -11.00 -10.15 11.43
C PRO A 87 -11.06 -9.00 10.42
N GLY A 88 -10.51 -9.22 9.24
CA GLY A 88 -10.53 -8.22 8.21
C GLY A 88 -9.70 -6.99 8.51
N ILE A 89 -10.27 -5.81 8.28
CA ILE A 89 -9.57 -4.56 8.53
C ILE A 89 -9.31 -4.37 10.02
N GLN A 90 -10.03 -5.12 10.86
CA GLN A 90 -9.85 -5.02 12.30
C GLN A 90 -8.39 -5.34 12.67
N GLY A 91 -7.83 -4.55 13.58
CA GLY A 91 -6.44 -4.75 13.97
C GLY A 91 -5.45 -3.98 13.09
N ASP A 92 -5.89 -3.55 11.90
CA ASP A 92 -4.99 -2.82 11.01
C ASP A 92 -4.64 -1.42 11.53
N ALA A 93 -3.44 -0.93 11.21
CA ALA A 93 -2.97 0.38 11.66
C ALA A 93 -2.64 1.25 10.46
N HIS A 94 -3.28 2.41 10.38
CA HIS A 94 -3.08 3.33 9.26
C HIS A 94 -2.39 4.61 9.72
N PHE A 95 -1.40 5.05 8.96
CA PHE A 95 -0.68 6.27 9.30
C PHE A 95 -0.84 7.34 8.22
N ASP A 96 -1.11 8.57 8.64
CA ASP A 96 -1.29 9.71 7.73
C ASP A 96 0.07 10.22 7.23
N ASP A 97 0.39 9.89 5.98
CA ASP A 97 1.65 10.31 5.42
C ASP A 97 1.71 11.79 5.05
N ASP A 98 0.67 12.54 5.38
CA ASP A 98 0.70 13.97 5.12
C ASP A 98 1.38 14.59 6.34
N GLU A 99 1.61 13.75 7.35
CA GLU A 99 2.31 14.20 8.55
C GLU A 99 3.80 14.03 8.31
N LEU A 100 4.63 14.79 9.00
CA LEU A 100 6.08 14.64 8.87
C LEU A 100 6.52 13.56 9.88
N TRP A 101 6.93 12.40 9.39
CA TRP A 101 7.35 11.31 10.28
C TRP A 101 8.86 11.31 10.49
N SER A 102 9.27 11.29 11.75
CA SER A 102 10.70 11.29 12.09
C SER A 102 10.86 10.42 13.34
N LEU A 103 11.91 10.68 14.12
CA LEU A 103 12.14 9.93 15.35
C LEU A 103 12.88 10.86 16.29
N GLY A 104 12.91 10.52 17.58
CA GLY A 104 13.61 11.31 18.57
C GLY A 104 13.24 12.78 18.62
N LYS A 105 14.06 13.57 19.31
CA LYS A 105 13.81 15.01 19.41
C LYS A 105 13.79 15.65 18.03
N GLY A 106 13.13 16.80 17.91
CA GLY A 106 13.05 17.52 16.65
C GLY A 106 11.64 17.61 16.10
N GLN A 107 11.48 18.33 14.99
CA GLN A 107 10.16 18.48 14.39
C GLN A 107 9.65 17.19 13.78
N GLY A 108 8.34 17.12 13.61
CA GLY A 108 7.74 15.92 13.06
C GLY A 108 7.32 15.01 14.21
N TYR A 109 6.52 13.99 13.91
CA TYR A 109 6.05 13.04 14.91
C TYR A 109 6.90 11.78 14.90
N SER A 110 7.16 11.23 16.08
CA SER A 110 7.96 10.01 16.18
C SER A 110 7.14 8.84 15.69
N LEU A 111 7.56 8.21 14.60
CA LEU A 111 6.85 7.08 14.06
C LEU A 111 6.85 5.95 15.11
N PHE A 112 7.95 5.85 15.85
CA PHE A 112 8.10 4.85 16.90
C PHE A 112 7.04 5.00 17.99
N LEU A 113 6.93 6.18 18.57
CA LEU A 113 5.94 6.39 19.61
C LEU A 113 4.50 6.29 19.12
N VAL A 114 4.20 6.90 17.97
CA VAL A 114 2.84 6.83 17.44
C VAL A 114 2.50 5.38 17.09
N ALA A 115 3.44 4.64 16.52
CA ALA A 115 3.17 3.23 16.20
C ALA A 115 2.88 2.40 17.47
N ALA A 116 3.68 2.58 18.51
CA ALA A 116 3.50 1.83 19.75
C ALA A 116 2.09 2.08 20.29
N HIS A 117 1.68 3.36 20.21
CA HIS A 117 0.36 3.79 20.64
C HIS A 117 -0.70 3.08 19.79
N GLN A 118 -0.55 3.16 18.48
CA GLN A 118 -1.51 2.52 17.58
C GLN A 118 -1.57 1.01 17.81
N PHE A 119 -0.42 0.38 18.00
CA PHE A 119 -0.41 -1.06 18.22
C PHE A 119 -1.17 -1.39 19.50
N GLY A 120 -1.15 -0.46 20.45
CA GLY A 120 -1.89 -0.66 21.68
C GLY A 120 -3.37 -0.77 21.34
N HIS A 121 -3.86 0.13 20.48
CA HIS A 121 -5.25 0.09 20.05
C HIS A 121 -5.53 -1.21 19.29
N ALA A 122 -4.59 -1.62 18.43
CA ALA A 122 -4.74 -2.83 17.63
C ALA A 122 -4.82 -4.08 18.49
N LEU A 123 -4.33 -3.97 19.71
CA LEU A 123 -4.35 -5.09 20.66
C LEU A 123 -5.59 -5.05 21.55
N GLY A 124 -6.42 -4.01 21.41
CA GLY A 124 -7.63 -3.89 22.21
C GLY A 124 -7.62 -2.85 23.32
N LEU A 125 -6.49 -2.15 23.48
CA LEU A 125 -6.38 -1.14 24.54
C LEU A 125 -7.10 0.16 24.22
N ASP A 126 -7.71 0.76 25.23
CA ASP A 126 -8.38 2.04 25.04
C ASP A 126 -7.51 3.15 25.63
N HIS A 127 -7.88 4.39 25.37
CA HIS A 127 -7.12 5.53 25.87
C HIS A 127 -7.02 5.55 27.39
N SER A 128 -5.86 5.94 27.89
CA SER A 128 -5.62 6.04 29.33
C SER A 128 -5.85 7.47 29.84
N SER A 129 -6.18 7.59 31.12
CA SER A 129 -6.38 8.89 31.73
C SER A 129 -5.06 9.40 32.33
N VAL A 130 -4.05 8.52 32.36
CA VAL A 130 -2.74 8.87 32.89
C VAL A 130 -1.91 9.66 31.87
N PRO A 131 -1.61 10.94 32.18
CA PRO A 131 -0.84 11.82 31.29
C PRO A 131 0.49 11.24 30.77
N GLU A 132 1.20 10.53 31.64
CA GLU A 132 2.48 9.96 31.24
C GLU A 132 2.38 8.59 30.56
N ALA A 133 1.16 8.09 30.36
CA ALA A 133 0.98 6.80 29.71
C ALA A 133 1.06 6.86 28.19
N LEU A 134 1.60 5.81 27.58
CA LEU A 134 1.67 5.76 26.12
C LEU A 134 0.27 5.89 25.50
N MET A 135 -0.72 5.26 26.14
CA MET A 135 -2.09 5.31 25.62
C MET A 135 -2.84 6.60 25.94
N TYR A 136 -2.11 7.63 26.35
CA TYR A 136 -2.73 8.92 26.61
C TYR A 136 -3.23 9.40 25.22
N PRO A 137 -4.41 10.04 25.16
CA PRO A 137 -4.98 10.52 23.89
C PRO A 137 -4.28 11.70 23.21
N MET A 138 -3.31 12.27 23.92
CA MET A 138 -2.56 13.42 23.42
C MET A 138 -1.10 13.09 23.12
N TYR A 139 -0.64 13.43 21.93
CA TYR A 139 0.74 13.15 21.58
C TYR A 139 1.69 14.20 22.17
N ARG A 140 2.81 13.76 22.71
CA ARG A 140 3.81 14.67 23.26
C ARG A 140 5.12 13.88 23.31
N PHE A 141 6.16 14.36 22.63
CA PHE A 141 7.42 13.63 22.66
C PHE A 141 8.15 13.78 23.98
N THR A 142 8.67 12.67 24.49
CA THR A 142 9.45 12.64 25.72
C THR A 142 10.42 11.46 25.60
N GLU A 143 11.51 11.51 26.37
CA GLU A 143 12.51 10.45 26.38
C GLU A 143 12.13 9.45 27.45
N GLY A 144 12.81 8.30 27.46
CA GLY A 144 12.54 7.28 28.47
C GLY A 144 11.60 6.19 27.99
N PRO A 145 11.47 5.09 28.76
CA PRO A 145 10.59 3.96 28.42
C PRO A 145 9.16 4.43 28.14
N PRO A 146 8.61 4.10 26.98
CA PRO A 146 7.25 4.52 26.63
C PRO A 146 6.15 3.95 27.52
N LEU A 147 6.30 2.69 27.90
CA LEU A 147 5.27 2.05 28.70
C LEU A 147 5.25 2.49 30.14
N HIS A 148 4.10 3.01 30.55
CA HIS A 148 3.88 3.42 31.93
C HIS A 148 3.20 2.24 32.67
N LYS A 149 3.30 2.21 34.00
CA LYS A 149 2.68 1.14 34.80
C LYS A 149 1.22 0.92 34.38
N ASP A 150 0.56 1.98 33.95
CA ASP A 150 -0.83 1.87 33.53
C ASP A 150 -0.98 1.11 32.21
N ASP A 151 -0.02 1.30 31.30
CA ASP A 151 -0.05 0.64 30.01
C ASP A 151 0.23 -0.84 30.22
N VAL A 152 1.24 -1.15 31.02
CA VAL A 152 1.59 -2.53 31.31
C VAL A 152 0.43 -3.27 31.97
N ASN A 153 -0.22 -2.63 32.93
CA ASN A 153 -1.33 -3.27 33.62
C ASN A 153 -2.49 -3.51 32.66
N GLY A 154 -2.77 -2.53 31.81
CA GLY A 154 -3.85 -2.69 30.87
C GLY A 154 -3.66 -3.82 29.88
N ILE A 155 -2.47 -3.91 29.30
CA ILE A 155 -2.17 -4.93 28.32
C ILE A 155 -2.12 -6.31 28.95
N ARG A 156 -1.59 -6.41 30.16
CA ARG A 156 -1.54 -7.71 30.83
C ARG A 156 -2.93 -8.14 31.29
N HIS A 157 -3.79 -7.17 31.57
CA HIS A 157 -5.15 -7.50 31.99
C HIS A 157 -5.87 -8.19 30.83
N LEU A 158 -5.38 -7.97 29.61
CA LEU A 158 -5.96 -8.58 28.41
C LEU A 158 -5.27 -9.89 28.05
N TYR A 159 -3.94 -9.91 28.08
CA TYR A 159 -3.19 -11.10 27.70
C TYR A 159 -2.20 -11.58 28.76
N LEU B 5 -11.31 -14.14 -23.24
CA LEU B 5 -11.22 -13.97 -21.75
C LEU B 5 -11.14 -12.48 -21.41
N LYS B 6 -12.20 -11.96 -20.80
CA LYS B 6 -12.26 -10.54 -20.44
C LYS B 6 -13.16 -10.35 -19.20
N TRP B 7 -13.16 -9.14 -18.66
CA TRP B 7 -13.97 -8.85 -17.49
C TRP B 7 -15.44 -8.94 -17.86
N HIS B 8 -16.27 -9.36 -16.91
CA HIS B 8 -17.70 -9.46 -17.14
C HIS B 8 -18.43 -8.27 -16.56
N HIS B 9 -17.70 -7.20 -16.25
CA HIS B 9 -18.29 -5.97 -15.72
C HIS B 9 -17.48 -4.82 -16.27
N HIS B 10 -18.08 -3.64 -16.33
CA HIS B 10 -17.43 -2.47 -16.87
C HIS B 10 -16.86 -1.53 -15.82
N ASN B 11 -17.45 -1.51 -14.63
CA ASN B 11 -16.96 -0.62 -13.58
C ASN B 11 -15.78 -1.26 -12.87
N ILE B 12 -14.64 -1.25 -13.53
CA ILE B 12 -13.43 -1.85 -13.00
C ILE B 12 -12.80 -1.08 -11.85
N THR B 13 -12.21 -1.81 -10.91
CA THR B 13 -11.57 -1.18 -9.76
C THR B 13 -10.10 -1.59 -9.66
N TYR B 14 -9.28 -0.68 -9.18
CA TYR B 14 -7.85 -0.96 -9.02
C TYR B 14 -7.32 -0.47 -7.68
N TRP B 15 -6.27 -1.12 -7.20
CA TRP B 15 -5.69 -0.74 -5.93
C TRP B 15 -4.18 -0.58 -6.04
N ILE B 16 -3.69 0.59 -5.61
CA ILE B 16 -2.27 0.88 -5.62
C ILE B 16 -1.73 0.41 -4.28
N GLN B 17 -1.31 -0.85 -4.22
CA GLN B 17 -0.82 -1.45 -2.98
C GLN B 17 0.40 -0.75 -2.39
N ASN B 18 1.40 -0.47 -3.23
CA ASN B 18 2.60 0.22 -2.76
C ASN B 18 3.16 1.09 -3.87
N TYR B 19 4.33 1.68 -3.62
CA TYR B 19 4.92 2.58 -4.60
C TYR B 19 6.41 2.31 -4.85
N SER B 20 6.95 3.01 -5.85
CA SER B 20 8.36 2.89 -6.18
C SER B 20 9.10 4.06 -5.56
N GLU B 21 10.32 3.83 -5.09
CA GLU B 21 11.09 4.92 -4.49
C GLU B 21 11.61 5.89 -5.56
N ASP B 22 11.34 5.59 -6.83
CA ASP B 22 11.78 6.47 -7.90
C ASP B 22 10.89 7.70 -8.10
N LEU B 23 9.63 7.62 -7.66
CA LEU B 23 8.69 8.71 -7.85
C LEU B 23 7.81 8.98 -6.64
N PRO B 24 7.30 10.23 -6.51
CA PRO B 24 6.44 10.59 -5.39
C PRO B 24 5.08 9.91 -5.57
N ARG B 25 4.36 9.68 -4.46
CA ARG B 25 3.06 9.02 -4.53
C ARG B 25 2.12 9.75 -5.47
N ALA B 26 2.10 11.08 -5.38
CA ALA B 26 1.24 11.89 -6.22
C ALA B 26 1.50 11.64 -7.71
N VAL B 27 2.76 11.49 -8.09
CA VAL B 27 3.12 11.26 -9.48
C VAL B 27 2.66 9.88 -9.94
N ILE B 28 2.91 8.88 -9.11
CA ILE B 28 2.49 7.53 -9.43
C ILE B 28 0.98 7.42 -9.51
N ASP B 29 0.27 7.95 -8.52
CA ASP B 29 -1.20 7.89 -8.53
C ASP B 29 -1.74 8.45 -9.86
N ASP B 30 -1.23 9.62 -10.23
CA ASP B 30 -1.65 10.27 -11.46
C ASP B 30 -1.27 9.47 -12.69
N ALA B 31 -0.06 8.92 -12.69
CA ALA B 31 0.43 8.14 -13.82
C ALA B 31 -0.52 6.98 -14.13
N PHE B 32 -0.92 6.27 -13.09
CA PHE B 32 -1.82 5.14 -13.28
C PHE B 32 -3.20 5.60 -13.71
N ALA B 33 -3.64 6.71 -13.12
CA ALA B 33 -4.95 7.25 -13.44
C ALA B 33 -5.03 7.63 -14.92
N ARG B 34 -3.97 8.25 -15.43
CA ARG B 34 -3.94 8.68 -16.82
C ARG B 34 -3.85 7.48 -17.77
N ALA B 35 -3.13 6.45 -17.35
CA ALA B 35 -2.98 5.25 -18.18
C ALA B 35 -4.36 4.59 -18.35
N PHE B 36 -5.13 4.52 -17.26
CA PHE B 36 -6.47 3.95 -17.32
C PHE B 36 -7.38 4.83 -18.18
N ALA B 37 -7.27 6.15 -18.01
CA ALA B 37 -8.07 7.09 -18.79
C ALA B 37 -7.95 6.82 -20.30
N LEU B 38 -6.79 6.32 -20.72
CA LEU B 38 -6.60 6.00 -22.14
C LEU B 38 -7.60 4.93 -22.61
N TRP B 39 -7.83 3.92 -21.77
CA TRP B 39 -8.77 2.85 -22.11
C TRP B 39 -10.23 3.21 -21.91
N SER B 40 -10.53 4.00 -20.87
CA SER B 40 -11.90 4.41 -20.62
C SER B 40 -12.33 5.47 -21.62
N ALA B 41 -11.38 6.12 -22.27
CA ALA B 41 -11.72 7.14 -23.26
C ALA B 41 -12.31 6.55 -24.54
N VAL B 42 -12.02 5.28 -24.81
CA VAL B 42 -12.51 4.64 -26.03
C VAL B 42 -13.44 3.46 -25.80
N THR B 43 -13.89 3.29 -24.57
CA THR B 43 -14.77 2.17 -24.21
C THR B 43 -15.71 2.61 -23.09
N PRO B 44 -16.75 1.81 -22.83
CA PRO B 44 -17.70 2.14 -21.77
C PRO B 44 -17.13 1.78 -20.40
N LEU B 45 -15.88 1.34 -20.39
CA LEU B 45 -15.23 0.98 -19.14
C LEU B 45 -14.94 2.18 -18.26
N THR B 46 -15.01 1.99 -16.94
CA THR B 46 -14.69 3.04 -15.99
C THR B 46 -13.70 2.44 -15.02
N PHE B 47 -12.84 3.26 -14.42
CA PHE B 47 -11.84 2.77 -13.47
C PHE B 47 -11.92 3.53 -12.16
N THR B 48 -12.24 2.83 -11.08
CA THR B 48 -12.38 3.44 -9.76
C THR B 48 -11.29 2.95 -8.83
N ARG B 49 -10.61 3.87 -8.18
CA ARG B 49 -9.53 3.50 -7.27
C ARG B 49 -10.10 3.03 -5.95
N VAL B 50 -9.61 1.88 -5.46
CA VAL B 50 -10.06 1.33 -4.19
C VAL B 50 -8.82 1.03 -3.36
N TYR B 51 -9.02 0.52 -2.15
CA TYR B 51 -7.89 0.23 -1.28
C TYR B 51 -7.88 -1.14 -0.61
N SER B 52 -8.43 -2.14 -1.27
CA SER B 52 -8.44 -3.49 -0.69
C SER B 52 -8.19 -4.54 -1.76
N ARG B 53 -8.03 -5.78 -1.33
CA ARG B 53 -7.78 -6.90 -2.25
C ARG B 53 -8.99 -7.19 -3.13
N ASP B 54 -10.12 -6.53 -2.86
CA ASP B 54 -11.33 -6.73 -3.64
C ASP B 54 -11.19 -6.12 -5.04
N ALA B 55 -10.18 -5.27 -5.21
CA ALA B 55 -9.93 -4.62 -6.48
C ALA B 55 -9.74 -5.66 -7.58
N ASP B 56 -10.17 -5.33 -8.79
CA ASP B 56 -10.00 -6.21 -9.93
C ASP B 56 -8.52 -6.20 -10.28
N ILE B 57 -7.94 -5.01 -10.35
CA ILE B 57 -6.53 -4.88 -10.71
C ILE B 57 -5.69 -4.40 -9.53
N VAL B 58 -4.98 -5.32 -8.90
CA VAL B 58 -4.13 -4.95 -7.79
C VAL B 58 -2.76 -4.61 -8.37
N ILE B 59 -2.33 -3.36 -8.14
CA ILE B 59 -1.05 -2.84 -8.63
C ILE B 59 0.04 -2.86 -7.56
N GLN B 60 1.19 -3.42 -7.89
CA GLN B 60 2.28 -3.50 -6.92
C GLN B 60 3.68 -3.37 -7.53
N PHE B 61 4.58 -2.75 -6.79
CA PHE B 61 5.96 -2.64 -7.23
C PHE B 61 6.74 -3.66 -6.40
N GLY B 62 7.66 -4.37 -7.03
CA GLY B 62 8.43 -5.35 -6.29
C GLY B 62 9.78 -5.62 -6.92
N VAL B 63 10.66 -6.31 -6.18
CA VAL B 63 11.99 -6.68 -6.65
C VAL B 63 12.20 -8.17 -6.31
N ALA B 64 12.76 -8.91 -7.26
CA ALA B 64 12.99 -10.34 -7.06
C ALA B 64 11.67 -11.03 -6.68
N GLU B 65 11.64 -11.73 -5.56
CA GLU B 65 10.42 -12.40 -5.15
C GLU B 65 9.46 -11.40 -4.51
N HIS B 66 8.20 -11.42 -4.94
CA HIS B 66 7.22 -10.50 -4.39
C HIS B 66 5.93 -11.17 -3.99
N GLY B 67 6.02 -12.48 -3.71
CA GLY B 67 4.88 -13.26 -3.28
C GLY B 67 3.81 -13.70 -4.27
N ASP B 68 4.16 -13.93 -5.53
CA ASP B 68 3.13 -14.35 -6.49
C ASP B 68 3.56 -15.55 -7.31
N GLY B 69 4.78 -16.03 -7.06
CA GLY B 69 5.26 -17.18 -7.80
C GLY B 69 6.03 -16.85 -9.06
N TYR B 70 6.09 -15.56 -9.41
CA TYR B 70 6.81 -15.13 -10.59
C TYR B 70 7.76 -14.00 -10.23
N PRO B 71 8.89 -14.34 -9.61
CA PRO B 71 9.90 -13.36 -9.18
C PRO B 71 10.45 -12.53 -10.33
N PHE B 72 10.76 -11.27 -10.06
CA PHE B 72 11.33 -10.42 -11.09
C PHE B 72 12.79 -10.80 -11.25
N ASP B 73 13.39 -10.36 -12.34
CA ASP B 73 14.77 -10.71 -12.70
C ASP B 73 15.81 -9.63 -12.49
N GLY B 74 15.47 -8.59 -11.74
CA GLY B 74 16.42 -7.53 -11.50
C GLY B 74 16.45 -6.51 -12.63
N LYS B 75 17.46 -5.66 -12.62
CA LYS B 75 17.57 -4.63 -13.64
C LYS B 75 17.54 -5.21 -15.05
N ASP B 76 16.79 -4.55 -15.92
CA ASP B 76 16.64 -4.99 -17.31
C ASP B 76 15.82 -6.28 -17.39
N GLY B 77 15.88 -6.93 -18.55
CA GLY B 77 15.10 -8.14 -18.72
C GLY B 77 13.61 -7.80 -18.68
N LEU B 78 12.85 -8.49 -17.85
CA LEU B 78 11.42 -8.21 -17.76
C LEU B 78 11.23 -6.91 -16.97
N LEU B 79 10.34 -6.04 -17.45
CA LEU B 79 10.11 -4.76 -16.80
C LEU B 79 8.91 -4.82 -15.86
N ALA B 80 7.97 -5.69 -16.20
CA ALA B 80 6.75 -5.88 -15.40
C ALA B 80 5.88 -6.98 -16.00
N HIS B 81 4.83 -7.35 -15.28
CA HIS B 81 3.92 -8.36 -15.80
C HIS B 81 2.52 -8.15 -15.27
N ALA B 82 1.53 -8.59 -16.05
CA ALA B 82 0.13 -8.43 -15.66
C ALA B 82 -0.60 -9.71 -16.04
N PHE B 83 -1.62 -10.07 -15.26
CA PHE B 83 -2.41 -11.27 -15.52
C PHE B 83 -3.76 -10.91 -16.17
N PRO B 84 -4.24 -11.76 -17.09
CA PRO B 84 -5.53 -11.51 -17.76
C PRO B 84 -6.72 -11.57 -16.79
N PRO B 85 -7.85 -11.00 -17.19
CA PRO B 85 -9.07 -10.97 -16.37
C PRO B 85 -9.37 -12.31 -15.68
N GLY B 86 -9.80 -12.21 -14.43
CA GLY B 86 -10.12 -13.40 -13.65
C GLY B 86 -10.08 -13.11 -12.16
N PRO B 87 -10.36 -14.12 -11.33
CA PRO B 87 -10.36 -13.93 -9.88
C PRO B 87 -8.95 -14.00 -9.28
N GLY B 88 -8.82 -13.55 -8.06
CA GLY B 88 -7.53 -13.60 -7.40
C GLY B 88 -6.45 -12.75 -8.05
N ILE B 89 -5.28 -13.35 -8.26
CA ILE B 89 -4.15 -12.63 -8.84
C ILE B 89 -4.42 -12.24 -10.30
N GLN B 90 -5.40 -12.89 -10.92
CA GLN B 90 -5.71 -12.58 -12.31
C GLN B 90 -6.11 -11.10 -12.40
N GLY B 91 -5.64 -10.41 -13.43
CA GLY B 91 -5.96 -8.99 -13.61
C GLY B 91 -4.97 -8.04 -12.94
N ASP B 92 -4.13 -8.59 -12.06
CA ASP B 92 -3.15 -7.79 -11.35
C ASP B 92 -1.98 -7.36 -12.24
N ALA B 93 -1.39 -6.22 -11.90
CA ALA B 93 -0.26 -5.68 -12.66
C ALA B 93 0.86 -5.33 -11.70
N HIS B 94 2.02 -5.97 -11.89
CA HIS B 94 3.17 -5.74 -11.03
C HIS B 94 4.30 -5.10 -11.83
N PHE B 95 5.07 -4.23 -11.20
CA PHE B 95 6.18 -3.55 -11.87
C PHE B 95 7.50 -3.84 -11.18
N ASP B 96 8.54 -4.09 -11.97
CA ASP B 96 9.87 -4.40 -11.42
C ASP B 96 10.55 -3.13 -10.96
N ASP B 97 10.67 -2.95 -9.65
CA ASP B 97 11.30 -1.73 -9.14
C ASP B 97 12.82 -1.75 -9.27
N ASP B 98 13.37 -2.78 -9.91
CA ASP B 98 14.81 -2.80 -10.13
C ASP B 98 15.09 -1.98 -11.39
N GLU B 99 14.03 -1.57 -12.06
CA GLU B 99 14.15 -0.73 -13.26
C GLU B 99 13.99 0.72 -12.82
N LEU B 100 14.57 1.67 -13.55
CA LEU B 100 14.42 3.09 -13.20
C LEU B 100 13.09 3.58 -13.77
N TRP B 101 12.17 3.98 -12.89
CA TRP B 101 10.87 4.46 -13.34
C TRP B 101 10.80 5.99 -13.35
N SER B 102 10.42 6.53 -14.50
CA SER B 102 10.31 7.98 -14.69
C SER B 102 9.11 8.28 -15.60
N LEU B 103 9.16 9.43 -16.27
CA LEU B 103 8.10 9.82 -17.19
C LEU B 103 8.72 10.72 -18.25
N GLY B 104 8.08 10.80 -19.41
CA GLY B 104 8.55 11.65 -20.49
C GLY B 104 9.95 11.33 -21.01
N LYS B 105 10.56 12.29 -21.71
CA LYS B 105 11.90 12.10 -22.24
C LYS B 105 12.89 11.94 -21.09
N GLY B 106 14.03 11.32 -21.37
CA GLY B 106 15.04 11.12 -20.34
C GLY B 106 15.28 9.67 -19.95
N GLN B 107 16.30 9.47 -19.14
CA GLN B 107 16.65 8.15 -18.66
C GLN B 107 15.49 7.51 -17.92
N GLY B 108 15.47 6.17 -17.91
CA GLY B 108 14.42 5.44 -17.23
C GLY B 108 13.23 5.13 -18.09
N TYR B 109 12.40 4.19 -17.63
CA TYR B 109 11.20 3.80 -18.36
C TYR B 109 10.01 4.62 -17.93
N SER B 110 9.16 4.98 -18.88
CA SER B 110 7.97 5.75 -18.55
C SER B 110 6.94 4.85 -17.85
N LEU B 111 6.66 5.18 -16.60
CA LEU B 111 5.69 4.41 -15.82
C LEU B 111 4.32 4.51 -16.48
N PHE B 112 4.05 5.67 -17.06
CA PHE B 112 2.78 5.94 -17.74
C PHE B 112 2.55 5.00 -18.92
N LEU B 113 3.49 4.99 -19.86
CA LEU B 113 3.39 4.12 -21.05
C LEU B 113 3.43 2.65 -20.70
N VAL B 114 4.32 2.27 -19.80
CA VAL B 114 4.43 0.87 -19.41
C VAL B 114 3.15 0.44 -18.71
N ALA B 115 2.64 1.29 -17.82
CA ALA B 115 1.41 0.93 -17.12
C ALA B 115 0.25 0.76 -18.09
N ALA B 116 0.11 1.68 -19.05
CA ALA B 116 -0.98 1.58 -20.01
C ALA B 116 -0.93 0.23 -20.73
N HIS B 117 0.28 -0.19 -21.08
CA HIS B 117 0.52 -1.46 -21.76
C HIS B 117 0.08 -2.60 -20.85
N GLN B 118 0.61 -2.63 -19.62
CA GLN B 118 0.24 -3.67 -18.67
C GLN B 118 -1.27 -3.72 -18.44
N PHE B 119 -1.90 -2.55 -18.30
CA PHE B 119 -3.34 -2.53 -18.08
C PHE B 119 -4.03 -3.16 -19.28
N GLY B 120 -3.47 -2.95 -20.47
CA GLY B 120 -4.03 -3.55 -21.66
C GLY B 120 -4.09 -5.07 -21.48
N HIS B 121 -3.03 -5.65 -20.92
CA HIS B 121 -3.00 -7.08 -20.67
C HIS B 121 -4.05 -7.42 -19.60
N ALA B 122 -4.06 -6.62 -18.54
CA ALA B 122 -4.99 -6.81 -17.42
C ALA B 122 -6.44 -6.71 -17.86
N LEU B 123 -6.66 -6.14 -19.05
CA LEU B 123 -8.01 -6.02 -19.58
C LEU B 123 -8.32 -7.15 -20.58
N GLY B 124 -7.34 -8.00 -20.84
CA GLY B 124 -7.54 -9.12 -21.75
C GLY B 124 -6.87 -9.02 -23.11
N LEU B 125 -6.14 -7.92 -23.35
CA LEU B 125 -5.47 -7.75 -24.64
C LEU B 125 -4.11 -8.42 -24.76
N ASP B 126 -3.84 -8.97 -25.95
CA ASP B 126 -2.56 -9.62 -26.25
C ASP B 126 -1.63 -8.64 -26.96
N HIS B 127 -0.46 -9.11 -27.37
CA HIS B 127 0.49 -8.25 -28.06
C HIS B 127 0.09 -7.96 -29.50
N SER B 128 0.41 -6.76 -29.96
CA SER B 128 0.08 -6.34 -31.32
C SER B 128 1.26 -6.53 -32.26
N SER B 129 0.98 -6.60 -33.56
CA SER B 129 2.01 -6.74 -34.58
C SER B 129 2.41 -5.36 -35.10
N VAL B 130 1.62 -4.35 -34.74
CA VAL B 130 1.89 -2.97 -35.16
C VAL B 130 2.93 -2.33 -34.26
N PRO B 131 4.11 -2.01 -34.82
CA PRO B 131 5.21 -1.40 -34.07
C PRO B 131 4.85 -0.12 -33.34
N GLU B 132 3.95 0.68 -33.92
CA GLU B 132 3.54 1.93 -33.31
C GLU B 132 2.35 1.75 -32.35
N ALA B 133 1.94 0.51 -32.14
CA ALA B 133 0.83 0.24 -31.23
C ALA B 133 1.29 0.17 -29.79
N LEU B 134 0.41 0.50 -28.85
CA LEU B 134 0.78 0.44 -27.45
C LEU B 134 1.05 -1.01 -27.02
N MET B 135 0.27 -1.94 -27.53
CA MET B 135 0.44 -3.35 -27.16
C MET B 135 1.57 -4.06 -27.90
N TYR B 136 2.39 -3.31 -28.63
CA TYR B 136 3.53 -3.92 -29.31
C TYR B 136 4.41 -4.50 -28.19
N PRO B 137 5.04 -5.66 -28.43
CA PRO B 137 5.90 -6.30 -27.42
C PRO B 137 7.19 -5.58 -27.02
N MET B 138 7.66 -4.66 -27.86
CA MET B 138 8.89 -3.93 -27.59
C MET B 138 8.66 -2.51 -27.11
N TYR B 139 9.38 -2.10 -26.08
CA TYR B 139 9.26 -0.76 -25.52
C TYR B 139 10.08 0.24 -26.31
N ARG B 140 9.54 1.43 -26.50
CA ARG B 140 10.23 2.49 -27.22
C ARG B 140 9.47 3.77 -26.92
N PHE B 141 10.09 4.68 -26.16
CA PHE B 141 9.44 5.93 -25.80
C PHE B 141 9.22 6.84 -26.99
N THR B 142 8.02 7.38 -27.10
CA THR B 142 7.66 8.30 -28.17
C THR B 142 6.57 9.23 -27.63
N GLU B 143 6.46 10.41 -28.22
CA GLU B 143 5.43 11.37 -27.80
C GLU B 143 4.15 11.10 -28.58
N GLY B 144 3.07 11.75 -28.19
CA GLY B 144 1.80 11.58 -28.86
C GLY B 144 0.86 10.56 -28.23
N PRO B 145 -0.41 10.52 -28.67
CA PRO B 145 -1.40 9.59 -28.15
C PRO B 145 -0.90 8.14 -28.17
N PRO B 146 -0.86 7.50 -27.00
CA PRO B 146 -0.40 6.11 -26.88
C PRO B 146 -1.24 5.09 -27.64
N LEU B 147 -2.54 5.31 -27.70
CA LEU B 147 -3.39 4.34 -28.38
C LEU B 147 -3.39 4.46 -29.90
N HIS B 148 -3.02 3.37 -30.55
CA HIS B 148 -3.01 3.29 -32.01
C HIS B 148 -4.33 2.68 -32.45
N LYS B 149 -4.71 2.89 -33.71
CA LYS B 149 -5.94 2.34 -34.25
C LYS B 149 -6.09 0.85 -33.91
N ASP B 150 -4.98 0.14 -33.91
CA ASP B 150 -5.05 -1.28 -33.60
C ASP B 150 -5.44 -1.52 -32.14
N ASP B 151 -4.90 -0.72 -31.23
CA ASP B 151 -5.21 -0.85 -29.82
C ASP B 151 -6.69 -0.60 -29.59
N VAL B 152 -7.21 0.45 -30.22
CA VAL B 152 -8.61 0.81 -30.09
C VAL B 152 -9.51 -0.33 -30.58
N ASN B 153 -9.18 -0.89 -31.74
CA ASN B 153 -9.97 -1.99 -32.28
C ASN B 153 -9.94 -3.20 -31.35
N GLY B 154 -8.76 -3.50 -30.79
CA GLY B 154 -8.63 -4.63 -29.90
C GLY B 154 -9.44 -4.49 -28.63
N ILE B 155 -9.34 -3.34 -27.98
CA ILE B 155 -10.07 -3.13 -26.73
C ILE B 155 -11.58 -3.05 -26.97
N ARG B 156 -11.98 -2.42 -28.08
CA ARG B 156 -13.40 -2.29 -28.40
C ARG B 156 -14.00 -3.63 -28.80
N HIS B 157 -13.15 -4.52 -29.32
CA HIS B 157 -13.60 -5.84 -29.73
C HIS B 157 -14.11 -6.58 -28.49
N LEU B 158 -13.42 -6.39 -27.38
CA LEU B 158 -13.80 -7.04 -26.13
C LEU B 158 -14.94 -6.33 -25.41
N TYR B 159 -14.84 -5.01 -25.28
CA TYR B 159 -15.86 -4.24 -24.60
C TYR B 159 -16.56 -3.24 -25.51
#